data_5L4T
#
_entry.id   5L4T
#
_cell.length_a   67.760
_cell.length_b   68.570
_cell.length_c   96.110
_cell.angle_alpha   90.00
_cell.angle_beta   90.00
_cell.angle_gamma   90.00
#
_symmetry.space_group_name_H-M   'P 21 2 21'
#
loop_
_entity.id
_entity.type
_entity.pdbx_description
1 polymer 'Protein FimH'
2 non-polymer 'heptyl 2-deoxy-alpha-D-mannopyranoside'
3 water water
#
_entity_poly.entity_id   1
_entity_poly.type   'polypeptide(L)'
_entity_poly.pdbx_seq_one_letter_code
;FACKTANGTAIPIGGGSANVYVNLAPVVNVGQNLVVDLSTQIFCHNDYPETITDYVTLQRGSAYGGVLSNFSGTVKYSGS
SYPFPTTSETPRVVYNSRTDKPWPVALYLTPVSSAGGVAIKAGSLIAVLILRQTNNYNSDDFQFVWNIYANNDVVVPT
;
_entity_poly.pdbx_strand_id   A,B
#
# COMPACT_ATOMS: atom_id res chain seq x y z
N PHE A 1 -0.81 30.16 -14.24
CA PHE A 1 -0.66 28.68 -14.33
C PHE A 1 -2.02 28.00 -14.40
N ALA A 2 -2.19 27.12 -15.38
CA ALA A 2 -3.43 26.36 -15.50
C ALA A 2 -3.19 25.02 -16.19
N CYS A 3 -4.16 24.12 -16.06
CA CYS A 3 -4.02 22.77 -16.58
C CYS A 3 -5.26 22.34 -17.33
N LYS A 4 -5.11 21.33 -18.17
CA LYS A 4 -6.25 20.78 -18.90
C LYS A 4 -6.03 19.29 -19.13
N THR A 5 -7.12 18.57 -19.33
CA THR A 5 -7.04 17.15 -19.62
C THR A 5 -6.96 16.95 -21.13
N ALA A 6 -6.79 15.70 -21.55
CA ALA A 6 -6.62 15.36 -22.96
C ALA A 6 -7.86 15.72 -23.79
N ASN A 7 -9.03 15.78 -23.15
CA ASN A 7 -10.26 16.10 -23.89
C ASN A 7 -10.61 17.60 -23.80
N GLY A 8 -9.75 18.37 -23.13
CA GLY A 8 -9.91 19.81 -23.11
C GLY A 8 -10.56 20.37 -21.86
N THR A 9 -10.90 19.51 -20.91
CA THR A 9 -11.42 19.97 -19.62
C THR A 9 -10.31 20.69 -18.88
N ALA A 10 -10.58 21.92 -18.47
CA ALA A 10 -9.54 22.76 -17.88
C ALA A 10 -9.78 23.05 -16.40
N ILE A 11 -8.68 23.24 -15.67
CA ILE A 11 -8.74 23.88 -14.37
C ILE A 11 -7.98 25.19 -14.51
N PRO A 12 -8.66 26.33 -14.25
CA PRO A 12 -8.04 27.64 -14.51
C PRO A 12 -7.10 28.11 -13.41
N ILE A 13 -6.50 29.28 -13.64
CA ILE A 13 -5.70 29.96 -12.62
C ILE A 13 -6.42 29.92 -11.28
N GLY A 14 -5.69 29.59 -10.22
CA GLY A 14 -6.24 29.57 -8.88
C GLY A 14 -6.65 28.17 -8.44
N GLY A 15 -6.65 27.22 -9.36
CA GLY A 15 -6.93 25.84 -9.03
C GLY A 15 -8.40 25.48 -9.10
N GLY A 16 -8.71 24.29 -8.60
CA GLY A 16 -10.05 23.73 -8.70
C GLY A 16 -9.94 22.22 -8.85
N SER A 17 -10.95 21.60 -9.46
CA SER A 17 -10.92 20.16 -9.64
C SER A 17 -11.49 19.74 -10.98
N ALA A 18 -11.13 18.54 -11.43
CA ALA A 18 -11.59 18.00 -12.70
C ALA A 18 -11.56 16.48 -12.67
N ASN A 19 -12.40 15.86 -13.50
CA ASN A 19 -12.42 14.41 -13.62
C ASN A 19 -11.57 13.96 -14.80
N VAL A 20 -10.85 12.86 -14.60
CA VAL A 20 -10.03 12.27 -15.65
C VAL A 20 -10.48 10.82 -15.81
N TYR A 21 -10.85 10.46 -17.04
CA TYR A 21 -11.33 9.12 -17.33
C TYR A 21 -10.28 8.36 -18.12
N VAL A 22 -9.83 7.24 -17.58
CA VAL A 22 -8.69 6.54 -18.15
C VAL A 22 -9.03 5.12 -18.60
N ASN A 23 -8.49 4.74 -19.74
CA ASN A 23 -8.58 3.36 -20.22
C ASN A 23 -7.52 2.54 -19.50
N LEU A 24 -7.90 1.35 -19.07
CA LEU A 24 -6.99 0.48 -18.33
C LEU A 24 -6.83 -0.85 -19.04
N ALA A 25 -5.63 -1.42 -18.95
CA ALA A 25 -5.41 -2.77 -19.45
C ALA A 25 -6.48 -3.69 -18.87
N PRO A 26 -7.18 -4.45 -19.72
CA PRO A 26 -8.32 -5.22 -19.21
C PRO A 26 -7.91 -6.45 -18.39
N VAL A 27 -6.71 -6.96 -18.63
CA VAL A 27 -6.25 -8.14 -17.90
C VAL A 27 -4.87 -7.86 -17.30
N VAL A 28 -4.78 -8.10 -16.00
CA VAL A 28 -3.53 -7.89 -15.28
C VAL A 28 -3.28 -9.09 -14.36
N ASN A 29 -2.19 -9.81 -14.61
CA ASN A 29 -1.85 -10.96 -13.80
C ASN A 29 -1.10 -10.55 -12.55
N VAL A 30 -1.24 -11.37 -11.51
CA VAL A 30 -0.38 -11.23 -10.34
C VAL A 30 1.05 -11.26 -10.85
N GLY A 31 1.89 -10.36 -10.35
CA GLY A 31 3.26 -10.26 -10.82
C GLY A 31 3.47 -9.20 -11.89
N GLN A 32 2.37 -8.67 -12.45
CA GLN A 32 2.45 -7.64 -13.49
C GLN A 32 2.01 -6.28 -12.94
N ASN A 33 2.39 -5.22 -13.65
CA ASN A 33 1.92 -3.88 -13.33
C ASN A 33 0.76 -3.45 -14.20
N LEU A 34 -0.24 -2.87 -13.57
CA LEU A 34 -1.23 -2.07 -14.28
C LEU A 34 -0.69 -0.64 -14.27
N VAL A 35 -0.50 -0.07 -15.45
CA VAL A 35 0.07 1.27 -15.55
C VAL A 35 -1.02 2.27 -15.88
N VAL A 36 -1.10 3.30 -15.04
CA VAL A 36 -2.00 4.43 -15.27
C VAL A 36 -1.14 5.66 -15.51
N ASP A 37 -0.91 5.96 -16.77
CA ASP A 37 -0.01 7.05 -17.18
C ASP A 37 -0.78 8.35 -17.36
N LEU A 38 -0.69 9.25 -16.39
CA LEU A 38 -1.42 10.51 -16.46
C LEU A 38 -0.67 11.57 -17.27
N SER A 39 0.58 11.27 -17.63
CA SER A 39 1.38 12.22 -18.40
CA SER A 39 1.38 12.21 -18.40
C SER A 39 0.82 12.41 -19.80
N THR A 40 -0.07 11.50 -20.22
CA THR A 40 -0.72 11.63 -21.52
C THR A 40 -2.12 12.22 -21.35
N GLN A 41 -2.50 12.48 -20.10
CA GLN A 41 -3.87 12.86 -19.77
C GLN A 41 -3.96 14.28 -19.20
N ILE A 42 -2.89 14.76 -18.58
CA ILE A 42 -2.90 16.03 -17.88
C ILE A 42 -1.75 16.91 -18.36
N PHE A 43 -2.07 18.13 -18.77
CA PHE A 43 -1.09 19.06 -19.33
C PHE A 43 -1.22 20.44 -18.68
N CYS A 44 -0.09 21.07 -18.39
CA CYS A 44 -0.10 22.36 -17.72
C CYS A 44 0.89 23.34 -18.36
N HIS A 45 0.73 24.62 -18.04
CA HIS A 45 1.63 25.64 -18.55
C HIS A 45 1.73 26.85 -17.63
N ASN A 46 2.78 27.64 -17.83
CA ASN A 46 3.06 28.86 -17.07
C ASN A 46 2.52 30.06 -17.86
N ASP A 47 1.73 30.92 -17.20
CA ASP A 47 1.06 32.01 -17.91
C ASP A 47 1.90 33.29 -18.00
N TYR A 48 3.03 33.33 -17.30
CA TYR A 48 3.86 34.53 -17.26
C TYR A 48 5.32 34.13 -17.07
N PRO A 49 5.83 33.27 -17.97
CA PRO A 49 7.19 32.73 -17.81
C PRO A 49 8.27 33.78 -17.98
N GLU A 50 7.91 34.90 -18.59
CA GLU A 50 8.84 36.02 -18.76
C GLU A 50 9.41 36.47 -17.41
N THR A 51 8.64 36.27 -16.35
CA THR A 51 8.98 36.80 -15.04
C THR A 51 8.89 35.75 -13.93
N ILE A 52 7.95 34.82 -14.07
CA ILE A 52 7.64 33.91 -12.98
C ILE A 52 8.11 32.51 -13.30
N THR A 53 8.60 31.82 -12.26
CA THR A 53 8.88 30.41 -12.34
C THR A 53 7.80 29.70 -11.51
N ASP A 54 7.10 28.73 -12.12
CA ASP A 54 6.08 27.98 -11.40
C ASP A 54 6.65 26.67 -10.88
N TYR A 55 6.30 26.35 -9.64
CA TYR A 55 6.77 25.14 -8.98
C TYR A 55 5.59 24.19 -8.78
N VAL A 56 5.74 22.94 -9.21
CA VAL A 56 4.62 22.01 -9.19
C VAL A 56 5.00 20.68 -8.55
N THR A 57 4.24 20.30 -7.53
CA THR A 57 4.47 19.04 -6.85
C THR A 57 3.22 18.16 -6.89
N LEU A 58 3.42 16.87 -6.70
CA LEU A 58 2.34 15.98 -6.32
C LEU A 58 2.23 16.07 -4.80
N GLN A 59 1.27 16.82 -4.31
CA GLN A 59 1.16 17.04 -2.87
C GLN A 59 0.76 15.74 -2.19
N ARG A 60 -0.20 15.04 -2.79
CA ARG A 60 -0.54 13.71 -2.34
C ARG A 60 -1.39 12.98 -3.36
N GLY A 61 -1.37 11.66 -3.25
CA GLY A 61 -2.18 10.80 -4.09
C GLY A 61 -2.88 9.78 -3.23
N SER A 62 -4.19 9.65 -3.41
CA SER A 62 -4.99 8.72 -2.64
C SER A 62 -5.60 7.65 -3.56
N ALA A 63 -5.73 6.44 -3.04
CA ALA A 63 -6.31 5.32 -3.79
C ALA A 63 -7.73 5.05 -3.34
N TYR A 64 -8.58 4.63 -4.26
CA TYR A 64 -9.97 4.32 -3.94
C TYR A 64 -10.45 3.04 -4.61
N GLY A 65 -11.58 2.53 -4.12
CA GLY A 65 -12.23 1.38 -4.72
C GLY A 65 -11.34 0.18 -4.89
N GLY A 66 -11.29 -0.35 -6.10
CA GLY A 66 -10.54 -1.56 -6.38
C GLY A 66 -9.04 -1.41 -6.23
N VAL A 67 -8.53 -0.22 -6.50
CA VAL A 67 -7.10 0.03 -6.43
C VAL A 67 -6.63 -0.03 -4.98
N LEU A 68 -7.41 0.57 -4.08
CA LEU A 68 -7.10 0.51 -2.66
C LEU A 68 -7.20 -0.91 -2.13
N SER A 69 -8.20 -1.64 -2.62
CA SER A 69 -8.48 -2.99 -2.12
C SER A 69 -7.56 -4.06 -2.69
N ASN A 70 -7.21 -3.94 -3.95
CA ASN A 70 -6.65 -5.07 -4.69
C ASN A 70 -5.23 -4.88 -5.23
N PHE A 71 -4.64 -3.71 -5.04
CA PHE A 71 -3.34 -3.43 -5.63
C PHE A 71 -2.34 -2.85 -4.64
N SER A 72 -1.07 -3.09 -4.96
CA SER A 72 0.06 -2.49 -4.25
C SER A 72 0.64 -1.44 -5.18
N GLY A 73 0.68 -0.20 -4.73
CA GLY A 73 0.91 0.93 -5.61
C GLY A 73 2.24 1.62 -5.49
N THR A 74 2.70 2.12 -6.63
CA THR A 74 3.87 3.00 -6.69
C THR A 74 3.51 4.14 -7.64
N VAL A 75 3.90 5.36 -7.30
CA VAL A 75 3.73 6.47 -8.21
C VAL A 75 5.10 6.97 -8.63
N LYS A 76 5.24 7.20 -9.93
CA LYS A 76 6.44 7.81 -10.46
C LYS A 76 6.12 9.27 -10.74
N TYR A 77 6.92 10.16 -10.16
CA TYR A 77 6.79 11.59 -10.37
C TYR A 77 8.10 12.12 -10.92
N SER A 78 8.04 12.65 -12.14
CA SER A 78 9.23 13.14 -12.81
C SER A 78 10.31 12.05 -12.82
N GLY A 79 9.88 10.81 -13.00
CA GLY A 79 10.78 9.70 -13.16
C GLY A 79 11.15 8.92 -11.90
N SER A 80 10.90 9.49 -10.73
CA SER A 80 11.27 8.86 -9.46
C SER A 80 10.09 8.17 -8.82
N SER A 81 10.35 7.04 -8.15
CA SER A 81 9.28 6.21 -7.58
C SER A 81 9.05 6.51 -6.09
N TYR A 82 7.78 6.53 -5.71
CA TYR A 82 7.37 6.76 -4.33
C TYR A 82 6.18 5.86 -4.01
N PRO A 83 5.94 5.60 -2.73
CA PRO A 83 4.74 4.84 -2.36
C PRO A 83 3.46 5.50 -2.82
N PHE A 84 2.48 4.70 -3.23
CA PHE A 84 1.14 5.17 -3.54
C PHE A 84 0.13 4.19 -2.92
N PRO A 85 -0.81 4.69 -2.08
CA PRO A 85 -1.04 6.06 -1.61
C PRO A 85 0.20 6.69 -0.99
N THR A 86 0.33 8.00 -1.14
CA THR A 86 1.57 8.70 -0.87
C THR A 86 1.77 9.01 0.61
N THR A 87 3.02 9.22 0.97
CA THR A 87 3.40 9.44 2.36
C THR A 87 4.12 10.76 2.55
N SER A 88 4.36 11.47 1.45
CA SER A 88 4.99 12.80 1.53
C SER A 88 4.85 13.54 0.20
N GLU A 89 4.91 14.87 0.28
CA GLU A 89 4.93 15.70 -0.93
C GLU A 89 6.20 15.43 -1.71
N THR A 90 6.08 15.36 -3.03
CA THR A 90 7.22 15.09 -3.91
C THR A 90 8.12 16.31 -4.09
N PRO A 91 9.30 16.09 -4.70
CA PRO A 91 10.10 17.24 -5.15
C PRO A 91 9.37 17.99 -6.25
N ARG A 92 9.85 19.19 -6.55
CA ARG A 92 9.16 20.05 -7.49
C ARG A 92 9.51 19.77 -8.95
N VAL A 93 8.55 20.10 -9.81
CA VAL A 93 8.77 20.19 -11.25
C VAL A 93 8.52 21.66 -11.62
N VAL A 94 9.43 22.25 -12.40
CA VAL A 94 9.28 23.63 -12.83
C VAL A 94 8.52 23.73 -14.14
N TYR A 95 7.60 24.69 -14.19
CA TYR A 95 6.92 25.07 -15.41
C TYR A 95 7.33 26.50 -15.75
N ASN A 96 8.09 26.64 -16.83
CA ASN A 96 8.67 27.91 -17.20
C ASN A 96 8.33 28.27 -18.65
N SER A 97 7.29 27.67 -19.19
CA SER A 97 6.91 27.90 -20.58
C SER A 97 5.40 27.99 -20.71
N ARG A 98 4.97 28.75 -21.72
CA ARG A 98 3.57 28.92 -22.02
C ARG A 98 3.06 27.70 -22.83
N THR A 99 3.99 26.95 -23.38
CA THR A 99 3.65 25.74 -24.12
C THR A 99 3.27 24.61 -23.16
N ASP A 100 2.14 23.97 -23.43
CA ASP A 100 1.68 22.85 -22.62
C ASP A 100 2.75 21.80 -22.43
N LYS A 101 2.89 21.34 -21.19
CA LYS A 101 3.87 20.32 -20.85
C LYS A 101 3.16 19.27 -20.00
N PRO A 102 3.42 17.97 -20.26
CA PRO A 102 2.74 16.99 -19.43
C PRO A 102 3.04 17.14 -17.94
N TRP A 103 2.05 16.80 -17.12
CA TRP A 103 2.29 16.59 -15.70
C TRP A 103 2.86 15.17 -15.54
N PRO A 104 4.15 15.05 -15.17
CA PRO A 104 4.82 13.74 -15.27
C PRO A 104 4.46 12.77 -14.15
N VAL A 105 3.21 12.31 -14.16
CA VAL A 105 2.70 11.38 -13.14
C VAL A 105 2.27 10.06 -13.78
N ALA A 106 2.70 8.95 -13.19
CA ALA A 106 2.21 7.64 -13.61
C ALA A 106 2.07 6.74 -12.39
N LEU A 107 0.96 5.99 -12.34
CA LEU A 107 0.75 5.02 -11.29
C LEU A 107 1.12 3.62 -11.78
N TYR A 108 1.81 2.87 -10.92
CA TYR A 108 2.17 1.49 -11.21
C TYR A 108 1.54 0.62 -10.13
N LEU A 109 0.57 -0.18 -10.53
CA LEU A 109 -0.24 -0.94 -9.60
C LEU A 109 -0.10 -2.42 -9.87
N THR A 110 0.36 -3.18 -8.88
CA THR A 110 0.50 -4.62 -9.05
C THR A 110 -0.47 -5.31 -8.10
N PRO A 111 -1.16 -6.37 -8.59
CA PRO A 111 -2.15 -7.01 -7.72
C PRO A 111 -1.57 -7.60 -6.44
N VAL A 112 -2.29 -7.47 -5.35
CA VAL A 112 -1.93 -8.15 -4.12
C VAL A 112 -2.34 -9.61 -4.27
N SER A 113 -1.78 -10.48 -3.44
CA SER A 113 -1.96 -11.92 -3.59
C SER A 113 -3.40 -12.36 -3.44
N SER A 114 -4.19 -11.58 -2.69
CA SER A 114 -5.59 -11.92 -2.48
C SER A 114 -6.46 -11.45 -3.66
N ALA A 115 -5.89 -10.69 -4.58
CA ALA A 115 -6.66 -10.16 -5.69
C ALA A 115 -7.02 -11.26 -6.68
N GLY A 116 -8.22 -11.16 -7.24
CA GLY A 116 -8.71 -12.11 -8.22
C GLY A 116 -10.10 -11.72 -8.66
N GLY A 117 -10.36 -11.82 -9.96
CA GLY A 117 -11.64 -11.43 -10.50
C GLY A 117 -11.65 -9.98 -10.92
N VAL A 118 -12.82 -9.35 -10.85
CA VAL A 118 -12.95 -7.97 -11.26
C VAL A 118 -12.34 -7.11 -10.15
N ALA A 119 -11.12 -6.65 -10.38
CA ALA A 119 -10.36 -5.95 -9.35
C ALA A 119 -10.60 -4.45 -9.41
N ILE A 120 -11.00 -3.96 -10.58
CA ILE A 120 -11.42 -2.57 -10.74
C ILE A 120 -12.71 -2.57 -11.54
N LYS A 121 -13.72 -1.87 -11.03
CA LYS A 121 -15.01 -1.80 -11.71
C LYS A 121 -15.06 -0.59 -12.64
N ALA A 122 -15.59 -0.82 -13.85
CA ALA A 122 -15.77 0.24 -14.82
C ALA A 122 -16.57 1.39 -14.23
N GLY A 123 -16.08 2.60 -14.42
CA GLY A 123 -16.75 3.80 -13.93
C GLY A 123 -16.39 4.22 -12.52
N SER A 124 -15.64 3.39 -11.82
CA SER A 124 -15.33 3.65 -10.42
C SER A 124 -14.18 4.63 -10.24
N LEU A 125 -14.22 5.39 -9.16
CA LEU A 125 -13.11 6.24 -8.75
C LEU A 125 -11.94 5.35 -8.33
N ILE A 126 -10.75 5.58 -8.90
CA ILE A 126 -9.59 4.77 -8.57
C ILE A 126 -8.52 5.58 -7.84
N ALA A 127 -8.49 6.89 -8.07
CA ALA A 127 -7.47 7.71 -7.43
C ALA A 127 -7.86 9.18 -7.40
N VAL A 128 -7.30 9.90 -6.43
CA VAL A 128 -7.35 11.35 -6.40
C VAL A 128 -5.92 11.85 -6.27
N LEU A 129 -5.51 12.69 -7.21
CA LEU A 129 -4.15 13.24 -7.21
C LEU A 129 -4.21 14.76 -7.04
N ILE A 130 -3.47 15.26 -6.07
CA ILE A 130 -3.44 16.69 -5.80
C ILE A 130 -2.15 17.29 -6.35
N LEU A 131 -2.31 18.13 -7.36
CA LEU A 131 -1.23 18.94 -7.89
C LEU A 131 -1.19 20.25 -7.10
N ARG A 132 -0.02 20.57 -6.54
CA ARG A 132 0.15 21.80 -5.79
C ARG A 132 1.04 22.75 -6.56
N GLN A 133 0.53 23.95 -6.84
CA GLN A 133 1.30 24.94 -7.60
C GLN A 133 1.63 26.15 -6.75
N THR A 134 2.91 26.49 -6.72
CA THR A 134 3.39 27.70 -6.10
C THR A 134 4.32 28.38 -7.11
N ASN A 135 4.97 29.47 -6.70
CA ASN A 135 5.88 30.17 -7.58
C ASN A 135 6.95 30.93 -6.80
N ASN A 136 7.78 31.66 -7.54
CA ASN A 136 8.85 32.48 -6.95
C ASN A 136 8.51 33.96 -7.00
N TYR A 137 7.21 34.26 -7.04
CA TYR A 137 6.75 35.62 -7.35
C TYR A 137 5.90 36.20 -6.22
N ASN A 138 4.92 35.44 -5.76
CA ASN A 138 4.03 35.89 -4.70
C ASN A 138 3.67 34.74 -3.77
N SER A 139 2.55 34.86 -3.05
CA SER A 139 2.20 33.88 -2.02
CA SER A 139 2.19 33.89 -2.02
C SER A 139 1.20 32.84 -2.53
N ASP A 140 0.93 32.84 -3.83
CA ASP A 140 -0.03 31.90 -4.40
C ASP A 140 0.32 30.46 -4.02
N ASP A 141 -0.69 29.72 -3.58
CA ASP A 141 -0.53 28.31 -3.19
C ASP A 141 -1.81 27.58 -3.56
N PHE A 142 -1.85 27.02 -4.76
CA PHE A 142 -3.10 26.55 -5.35
C PHE A 142 -3.10 25.02 -5.50
N GLN A 143 -4.28 24.42 -5.32
CA GLN A 143 -4.45 22.99 -5.52
C GLN A 143 -5.28 22.71 -6.75
N PHE A 144 -4.76 21.85 -7.62
CA PHE A 144 -5.48 21.35 -8.78
C PHE A 144 -5.79 19.88 -8.51
N VAL A 145 -7.07 19.58 -8.31
CA VAL A 145 -7.46 18.26 -7.86
C VAL A 145 -7.95 17.41 -9.03
N TRP A 146 -7.30 16.27 -9.22
CA TRP A 146 -7.63 15.37 -10.32
C TRP A 146 -8.27 14.08 -9.82
N ASN A 147 -9.55 13.91 -10.14
CA ASN A 147 -10.29 12.71 -9.78
C ASN A 147 -10.21 11.71 -10.92
N ILE A 148 -9.57 10.58 -10.68
CA ILE A 148 -9.28 9.61 -11.73
C ILE A 148 -10.29 8.45 -11.71
N TYR A 149 -10.94 8.25 -12.85
CA TYR A 149 -11.98 7.23 -12.98
C TYR A 149 -11.61 6.19 -14.03
N ALA A 150 -11.98 4.93 -13.77
CA ALA A 150 -11.74 3.84 -14.71
C ALA A 150 -12.83 3.83 -15.79
N ASN A 151 -12.41 3.69 -17.04
CA ASN A 151 -13.36 3.57 -18.15
C ASN A 151 -13.86 2.13 -18.32
N ASN A 152 -13.14 1.17 -17.77
CA ASN A 152 -13.49 -0.23 -17.97
C ASN A 152 -13.08 -1.10 -16.78
N ASP A 153 -13.67 -2.29 -16.71
CA ASP A 153 -13.29 -3.31 -15.73
C ASP A 153 -11.83 -3.72 -15.91
N VAL A 154 -11.19 -4.11 -14.81
CA VAL A 154 -9.89 -4.77 -14.89
C VAL A 154 -10.01 -6.12 -14.21
N VAL A 155 -9.64 -7.19 -14.92
CA VAL A 155 -9.74 -8.54 -14.40
C VAL A 155 -8.36 -9.06 -14.01
N VAL A 156 -8.27 -9.59 -12.79
CA VAL A 156 -7.07 -10.28 -12.35
C VAL A 156 -7.31 -11.79 -12.40
N PRO A 157 -6.66 -12.49 -13.35
CA PRO A 157 -6.90 -13.93 -13.48
C PRO A 157 -6.63 -14.72 -12.22
N THR A 158 -7.40 -15.80 -12.02
CA THR A 158 -7.24 -16.68 -10.87
C THR A 158 -6.81 -18.07 -11.33
N PHE B 1 4.12 -30.17 13.57
CA PHE B 1 4.31 -28.69 13.62
C PHE B 1 3.08 -28.00 14.19
N ALA B 2 3.29 -27.12 15.16
CA ALA B 2 2.19 -26.35 15.72
C ALA B 2 2.71 -25.03 16.27
N CYS B 3 1.79 -24.10 16.49
CA CYS B 3 2.15 -22.76 16.92
C CYS B 3 1.29 -22.31 18.07
N LYS B 4 1.76 -21.33 18.82
CA LYS B 4 0.99 -20.76 19.91
C LYS B 4 1.33 -19.29 20.07
N THR B 5 0.41 -18.53 20.65
CA THR B 5 0.63 -17.11 20.88
C THR B 5 1.26 -16.92 22.25
N ALA B 6 1.59 -15.67 22.57
CA ALA B 6 2.24 -15.35 23.82
C ALA B 6 1.38 -15.68 25.05
N ASN B 7 0.06 -15.70 24.87
CA ASN B 7 -0.84 -15.99 25.99
C ASN B 7 -1.26 -17.46 26.04
N GLY B 8 -0.74 -18.26 25.12
CA GLY B 8 -0.93 -19.70 25.15
C GLY B 8 -2.00 -20.25 24.22
N THR B 9 -2.64 -19.37 23.46
CA THR B 9 -3.60 -19.80 22.46
C THR B 9 -2.86 -20.55 21.36
N ALA B 10 -3.29 -21.78 21.08
CA ALA B 10 -2.57 -22.65 20.16
C ALA B 10 -3.35 -22.92 18.88
N ILE B 11 -2.60 -23.15 17.80
CA ILE B 11 -3.14 -23.76 16.59
C ILE B 11 -2.42 -25.11 16.47
N PRO B 12 -3.16 -26.22 16.46
CA PRO B 12 -2.53 -27.55 16.49
C PRO B 12 -2.05 -28.04 15.13
N ILE B 13 -1.43 -29.22 15.13
CA ILE B 13 -1.06 -29.92 13.91
C ILE B 13 -2.21 -29.86 12.91
N GLY B 14 -1.90 -29.54 11.66
CA GLY B 14 -2.90 -29.50 10.61
C GLY B 14 -3.42 -28.10 10.31
N GLY B 15 -3.05 -27.15 11.16
CA GLY B 15 -3.40 -25.77 10.93
C GLY B 15 -4.73 -25.35 11.55
N GLY B 16 -5.16 -24.14 11.21
CA GLY B 16 -6.35 -23.56 11.80
C GLY B 16 -6.15 -22.05 11.91
N SER B 17 -6.86 -21.41 12.84
CA SER B 17 -6.74 -19.97 13.00
C SER B 17 -6.77 -19.57 14.47
N ALA B 18 -6.25 -18.38 14.75
CA ALA B 18 -6.21 -17.85 16.11
C ALA B 18 -6.17 -16.33 16.09
N ASN B 19 -6.65 -15.72 17.16
CA ASN B 19 -6.61 -14.28 17.30
C ASN B 19 -5.37 -13.84 18.08
N VAL B 20 -4.76 -12.75 17.62
CA VAL B 20 -3.62 -12.15 18.28
C VAL B 20 -3.95 -10.69 18.59
N TYR B 21 -3.82 -10.31 19.86
CA TYR B 21 -4.13 -8.96 20.31
C TYR B 21 -2.84 -8.24 20.64
N VAL B 22 -2.59 -7.12 19.97
CA VAL B 22 -1.32 -6.42 20.07
C VAL B 22 -1.47 -5.00 20.59
N ASN B 23 -0.54 -4.59 21.45
CA ASN B 23 -0.44 -3.21 21.90
C ASN B 23 0.28 -2.38 20.84
N LEU B 24 -0.22 -1.18 20.59
CA LEU B 24 0.33 -0.31 19.56
C LEU B 24 0.76 1.01 20.15
N ALA B 25 1.83 1.58 19.60
CA ALA B 25 2.23 2.93 19.97
C ALA B 25 1.02 3.85 19.83
N PRO B 26 0.69 4.62 20.88
CA PRO B 26 -0.56 5.39 20.83
C PRO B 26 -0.50 6.62 19.92
N VAL B 27 0.69 7.14 19.70
CA VAL B 27 0.87 8.31 18.83
C VAL B 27 1.94 8.02 17.78
N VAL B 28 1.56 8.20 16.53
CA VAL B 28 2.47 7.98 15.42
C VAL B 28 2.39 9.15 14.45
N ASN B 29 3.51 9.86 14.27
CA ASN B 29 3.54 10.98 13.36
C ASN B 29 3.77 10.53 11.93
N VAL B 30 3.27 11.32 10.99
CA VAL B 30 3.64 11.16 9.60
C VAL B 30 5.16 11.18 9.56
N GLY B 31 5.76 10.27 8.82
CA GLY B 31 7.21 10.18 8.76
C GLY B 31 7.79 9.14 9.71
N GLN B 32 6.96 8.63 10.62
CA GLN B 32 7.39 7.61 11.56
C GLN B 32 6.79 6.24 11.23
N ASN B 33 7.41 5.18 11.75
CA ASN B 33 6.87 3.84 11.64
C ASN B 33 6.12 3.41 12.89
N LEU B 34 4.95 2.83 12.68
CA LEU B 34 4.29 2.04 13.71
C LEU B 34 4.76 0.61 13.52
N VAL B 35 5.36 0.02 14.54
CA VAL B 35 5.92 -1.33 14.42
C VAL B 35 5.03 -2.35 15.13
N VAL B 36 4.64 -3.38 14.40
CA VAL B 36 3.91 -4.50 14.98
C VAL B 36 4.80 -5.74 14.89
N ASP B 37 5.52 -6.03 15.96
CA ASP B 37 6.48 -7.12 15.97
C ASP B 37 5.81 -8.40 16.47
N LEU B 38 5.48 -9.29 15.53
CA LEU B 38 4.80 -10.53 15.87
C LEU B 38 5.77 -11.62 16.35
N SER B 39 7.07 -11.37 16.22
CA SER B 39 8.07 -12.36 16.64
CA SER B 39 8.08 -12.34 16.64
C SER B 39 8.09 -12.51 18.16
N THR B 40 7.42 -11.60 18.86
CA THR B 40 7.28 -11.71 20.31
C THR B 40 5.92 -12.30 20.67
N GLN B 41 5.10 -12.55 19.65
CA GLN B 41 3.71 -12.92 19.87
C GLN B 41 3.39 -14.34 19.37
N ILE B 42 4.15 -14.81 18.38
CA ILE B 42 3.84 -16.09 17.73
C ILE B 42 5.09 -16.97 17.72
N PHE B 43 4.92 -18.20 18.21
CA PHE B 43 6.01 -19.15 18.37
C PHE B 43 5.60 -20.52 17.81
N CYS B 44 6.53 -21.20 17.15
CA CYS B 44 6.22 -22.49 16.53
C CYS B 44 7.33 -23.52 16.79
N HIS B 45 7.03 -24.80 16.56
CA HIS B 45 8.03 -25.84 16.73
C HIS B 45 7.76 -27.05 15.83
N ASN B 46 8.81 -27.85 15.65
CA ASN B 46 8.77 -29.07 14.86
C ASN B 46 8.52 -30.27 15.79
N ASP B 47 7.52 -31.08 15.46
CA ASP B 47 7.11 -32.18 16.36
C ASP B 47 7.88 -33.48 16.10
N TYR B 48 8.66 -33.54 15.03
CA TYR B 48 9.35 -34.78 14.68
C TYR B 48 10.66 -34.49 13.95
N PRO B 49 11.54 -33.66 14.55
CA PRO B 49 12.76 -33.22 13.89
C PRO B 49 13.75 -34.36 13.66
N GLU B 50 13.57 -35.47 14.37
CA GLU B 50 14.41 -36.65 14.17
C GLU B 50 14.36 -37.11 12.72
N THR B 51 13.26 -36.80 12.03
CA THR B 51 13.02 -37.32 10.69
C THR B 51 12.65 -36.22 9.71
N ILE B 52 11.94 -35.21 10.22
CA ILE B 52 11.32 -34.20 9.37
C ILE B 52 11.94 -32.81 9.56
N THR B 53 12.05 -32.08 8.45
CA THR B 53 12.33 -30.64 8.50
C THR B 53 11.06 -29.90 8.06
N ASP B 54 10.62 -28.93 8.86
CA ASP B 54 9.45 -28.13 8.52
C ASP B 54 9.85 -26.82 7.84
N TYR B 55 9.10 -26.46 6.81
CA TYR B 55 9.33 -25.23 6.06
C TYR B 55 8.16 -24.26 6.25
N VAL B 56 8.47 -23.01 6.60
CA VAL B 56 7.46 -22.04 6.99
C VAL B 56 7.63 -20.72 6.23
N THR B 57 6.56 -20.31 5.55
CA THR B 57 6.53 -19.06 4.80
C THR B 57 5.40 -18.17 5.30
N LEU B 58 5.52 -16.88 5.02
CA LEU B 58 4.38 -15.99 5.04
C LEU B 58 3.74 -16.08 3.67
N GLN B 59 2.63 -16.80 3.57
CA GLN B 59 2.00 -17.01 2.27
C GLN B 59 1.37 -15.71 1.80
N ARG B 60 0.69 -15.01 2.72
CA ARG B 60 0.24 -13.66 2.43
C ARG B 60 -0.17 -12.93 3.70
N GLY B 61 -0.16 -11.60 3.60
CA GLY B 61 -0.60 -10.73 4.65
C GLY B 61 -1.54 -9.70 4.08
N SER B 62 -2.70 -9.55 4.72
CA SER B 62 -3.71 -8.61 4.28
C SER B 62 -3.93 -7.53 5.36
N ALA B 63 -4.23 -6.32 4.91
CA ALA B 63 -4.49 -5.21 5.83
C ALA B 63 -5.98 -4.94 5.94
N TYR B 64 -6.41 -4.52 7.11
CA TYR B 64 -7.83 -4.20 7.34
C TYR B 64 -8.02 -2.91 8.13
N GLY B 65 -9.24 -2.40 8.08
CA GLY B 65 -9.62 -1.22 8.85
C GLY B 65 -8.68 -0.05 8.65
N GLY B 66 -8.19 0.48 9.77
CA GLY B 66 -7.36 1.66 9.77
C GLY B 66 -6.00 1.49 9.11
N VAL B 67 -5.45 0.28 9.18
CA VAL B 67 -4.14 0.02 8.58
C VAL B 67 -4.26 0.09 7.07
N LEU B 68 -5.31 -0.50 6.53
CA LEU B 68 -5.56 -0.45 5.09
C LEU B 68 -5.82 1.00 4.65
N SER B 69 -6.59 1.74 5.45
CA SER B 69 -7.02 3.08 5.06
C SER B 69 -5.94 4.15 5.28
N ASN B 70 -5.16 4.01 6.34
CA ASN B 70 -4.35 5.13 6.82
C ASN B 70 -2.85 4.91 6.83
N PHE B 71 -2.39 3.74 6.41
CA PHE B 71 -0.98 3.41 6.48
C PHE B 71 -0.42 2.84 5.18
N SER B 72 0.89 3.07 4.99
CA SER B 72 1.65 2.46 3.91
C SER B 72 2.56 1.42 4.55
N GLY B 73 2.42 0.18 4.11
CA GLY B 73 2.97 -0.95 4.84
C GLY B 73 4.16 -1.65 4.23
N THR B 74 5.00 -2.18 5.12
CA THR B 74 6.09 -3.07 4.76
C THR B 74 6.11 -4.21 5.76
N VAL B 75 6.35 -5.44 5.30
CA VAL B 75 6.52 -6.56 6.22
C VAL B 75 7.95 -7.06 6.13
N LYS B 76 8.58 -7.28 7.28
CA LYS B 76 9.89 -7.91 7.32
C LYS B 76 9.72 -9.36 7.71
N TYR B 77 10.25 -10.25 6.89
CA TYR B 77 10.21 -11.68 7.19
C TYR B 77 11.64 -12.21 7.21
N SER B 78 12.06 -12.70 8.37
CA SER B 78 13.38 -13.26 8.53
C SER B 78 14.44 -12.29 8.00
N GLY B 79 14.24 -11.00 8.27
CA GLY B 79 15.21 -9.98 7.93
C GLY B 79 15.03 -9.25 6.61
N SER B 80 14.20 -9.80 5.72
CA SER B 80 13.99 -9.19 4.41
C SER B 80 12.66 -8.43 4.35
N SER B 81 12.64 -7.32 3.62
CA SER B 81 11.47 -6.46 3.53
C SER B 81 10.65 -6.71 2.27
N TYR B 82 9.32 -6.69 2.42
CA TYR B 82 8.42 -6.87 1.28
C TYR B 82 7.22 -5.95 1.45
N PRO B 83 6.51 -5.67 0.34
CA PRO B 83 5.29 -4.87 0.48
C PRO B 83 4.24 -5.53 1.38
N PHE B 84 3.51 -4.71 2.13
CA PHE B 84 2.35 -5.15 2.91
C PHE B 84 1.20 -4.17 2.71
N PRO B 85 0.02 -4.66 2.27
CA PRO B 85 -0.38 -6.02 1.90
C PRO B 85 0.55 -6.68 0.88
N THR B 86 0.69 -7.99 0.99
CA THR B 86 1.73 -8.71 0.27
C THR B 86 1.33 -9.01 -1.16
N THR B 87 2.35 -9.24 -1.99
CA THR B 87 2.16 -9.48 -3.41
C THR B 87 2.74 -10.83 -3.82
N SER B 88 3.36 -11.53 -2.89
CA SER B 88 3.92 -12.86 -3.16
C SER B 88 4.27 -13.59 -1.87
N GLU B 89 4.31 -14.92 -1.97
CA GLU B 89 4.77 -15.75 -0.87
C GLU B 89 6.25 -15.48 -0.62
N THR B 90 6.63 -15.42 0.66
CA THR B 90 8.02 -15.18 1.05
C THR B 90 8.88 -16.43 0.88
N PRO B 91 10.21 -16.28 1.01
CA PRO B 91 11.06 -17.46 1.12
C PRO B 91 10.78 -18.21 2.42
N ARG B 92 11.24 -19.44 2.53
CA ARG B 92 10.92 -20.26 3.69
C ARG B 92 11.85 -20.00 4.87
N VAL B 93 11.34 -20.31 6.06
CA VAL B 93 12.14 -20.37 7.27
C VAL B 93 12.13 -21.83 7.70
N VAL B 94 13.30 -22.36 8.07
CA VAL B 94 13.41 -23.75 8.50
C VAL B 94 13.14 -23.88 9.99
N TYR B 95 12.34 -24.88 10.35
CA TYR B 95 12.13 -25.26 11.73
C TYR B 95 12.64 -26.69 11.96
N ASN B 96 13.74 -26.81 12.72
CA ASN B 96 14.45 -28.07 12.87
C ASN B 96 14.52 -28.51 14.32
N SER B 97 13.71 -27.90 15.18
CA SER B 97 13.77 -28.17 16.60
C SER B 97 12.39 -28.25 17.25
N ARG B 98 12.32 -29.04 18.33
CA ARG B 98 11.11 -29.18 19.11
C ARG B 98 10.95 -27.98 20.04
N THR B 99 12.04 -27.24 20.22
CA THR B 99 12.04 -26.03 21.04
C THR B 99 11.34 -24.89 20.30
N ASP B 100 10.42 -24.22 20.97
CA ASP B 100 9.71 -23.07 20.39
C ASP B 100 10.68 -22.05 19.81
N LYS B 101 10.36 -21.57 18.61
CA LYS B 101 11.14 -20.54 17.94
C LYS B 101 10.19 -19.47 17.43
N PRO B 102 10.54 -18.18 17.57
CA PRO B 102 9.62 -17.17 17.07
C PRO B 102 9.34 -17.28 15.58
N TRP B 103 8.12 -16.91 15.18
CA TRP B 103 7.83 -16.68 13.77
C TRP B 103 8.34 -15.28 13.43
N PRO B 104 9.39 -15.17 12.60
CA PRO B 104 10.09 -13.88 12.45
C PRO B 104 9.36 -12.89 11.53
N VAL B 105 8.20 -12.43 11.97
CA VAL B 105 7.36 -11.50 11.21
C VAL B 105 7.27 -10.17 11.95
N ALA B 106 7.45 -9.07 11.23
CA ALA B 106 7.21 -7.76 11.80
C ALA B 106 6.60 -6.84 10.74
N LEU B 107 5.59 -6.08 11.13
CA LEU B 107 4.98 -5.09 10.25
C LEU B 107 5.52 -3.70 10.54
N TYR B 108 5.82 -2.96 9.47
CA TYR B 108 6.25 -1.57 9.58
C TYR B 108 5.27 -0.69 8.83
N LEU B 109 4.53 0.11 9.58
CA LEU B 109 3.42 0.88 9.03
C LEU B 109 3.64 2.37 9.25
N THR B 110 3.67 3.14 8.15
CA THR B 110 3.87 4.58 8.25
C THR B 110 2.62 5.30 7.72
N PRO B 111 2.19 6.37 8.40
CA PRO B 111 0.96 7.05 7.98
C PRO B 111 1.05 7.63 6.57
N VAL B 112 -0.03 7.49 5.81
CA VAL B 112 -0.13 8.16 4.52
C VAL B 112 -0.48 9.62 4.81
N SER B 113 -0.24 10.48 3.83
CA SER B 113 -0.35 11.92 4.05
C SER B 113 -1.77 12.34 4.43
N SER B 114 -2.76 11.57 4.00
CA SER B 114 -4.14 11.90 4.31
C SER B 114 -4.55 11.47 5.72
N ALA B 115 -3.68 10.72 6.38
CA ALA B 115 -4.00 10.21 7.72
C ALA B 115 -3.95 11.33 8.75
N GLY B 116 -4.85 11.26 9.72
CA GLY B 116 -4.94 12.25 10.78
C GLY B 116 -6.06 11.89 11.73
N GLY B 117 -5.81 12.04 13.04
CA GLY B 117 -6.81 11.68 14.03
C GLY B 117 -6.67 10.21 14.45
N VAL B 118 -7.78 9.59 14.81
CA VAL B 118 -7.76 8.20 15.22
C VAL B 118 -7.62 7.33 13.97
N ALA B 119 -6.41 6.85 13.72
CA ALA B 119 -6.10 6.15 12.48
C ALA B 119 -6.33 4.65 12.62
N ILE B 120 -6.25 4.16 13.85
CA ILE B 120 -6.59 2.77 14.16
C ILE B 120 -7.49 2.77 15.38
N LYS B 121 -8.62 2.08 15.30
CA LYS B 121 -9.55 2.01 16.41
C LYS B 121 -9.26 0.81 17.31
N ALA B 122 -9.30 1.04 18.62
CA ALA B 122 -9.10 -0.02 19.60
C ALA B 122 -10.06 -1.17 19.35
N GLY B 123 -9.52 -2.39 19.35
CA GLY B 123 -10.31 -3.58 19.19
C GLY B 123 -10.53 -4.02 17.75
N SER B 124 -10.11 -3.19 16.79
CA SER B 124 -10.37 -3.47 15.39
C SER B 124 -9.37 -4.45 14.81
N LEU B 125 -9.83 -5.22 13.83
CA LEU B 125 -8.95 -6.07 13.02
C LEU B 125 -8.03 -5.19 12.19
N ILE B 126 -6.72 -5.43 12.27
CA ILE B 126 -5.76 -4.64 11.51
C ILE B 126 -5.06 -5.48 10.46
N ALA B 127 -4.97 -6.78 10.67
CA ALA B 127 -4.28 -7.65 9.71
C ALA B 127 -4.66 -9.12 9.84
N VAL B 128 -4.53 -9.84 8.73
CA VAL B 128 -4.59 -11.30 8.73
C VAL B 128 -3.32 -11.80 8.05
N LEU B 129 -2.58 -12.62 8.77
CA LEU B 129 -1.33 -13.17 8.26
C LEU B 129 -1.45 -14.68 8.12
N ILE B 130 -1.15 -15.20 6.93
CA ILE B 130 -1.25 -16.63 6.71
C ILE B 130 0.14 -17.25 6.77
N LEU B 131 0.36 -18.07 7.80
CA LEU B 131 1.56 -18.88 7.91
C LEU B 131 1.30 -20.18 7.17
N ARG B 132 2.16 -20.51 6.21
CA ARG B 132 2.03 -21.74 5.45
C ARG B 132 3.14 -22.71 5.82
N GLN B 133 2.76 -23.92 6.25
CA GLN B 133 3.74 -24.91 6.69
C GLN B 133 3.74 -26.13 5.78
N THR B 134 4.94 -26.48 5.30
CA THR B 134 5.17 -27.70 4.53
C THR B 134 6.35 -28.41 5.15
N ASN B 135 6.82 -29.49 4.52
CA ASN B 135 7.98 -30.20 5.06
C ASN B 135 8.73 -30.94 3.95
N ASN B 136 9.79 -31.64 4.35
CA ASN B 136 10.61 -32.40 3.41
C ASN B 136 10.33 -33.89 3.51
N TYR B 137 9.13 -34.23 3.97
CA TYR B 137 8.78 -35.59 4.35
C TYR B 137 7.59 -36.14 3.60
N ASN B 138 6.49 -35.38 3.56
CA ASN B 138 5.27 -35.84 2.89
C ASN B 138 4.56 -34.69 2.17
N SER B 139 3.26 -34.82 1.94
CA SER B 139 2.52 -33.87 1.12
CA SER B 139 2.53 -33.86 1.11
C SER B 139 1.82 -32.80 1.95
N ASP B 140 2.06 -32.80 3.26
CA ASP B 140 1.38 -31.85 4.14
C ASP B 140 1.56 -30.40 3.67
N ASP B 141 0.44 -29.67 3.64
CA ASP B 141 0.44 -28.28 3.24
C ASP B 141 -0.63 -27.55 4.04
N PHE B 142 -0.23 -26.97 5.17
CA PHE B 142 -1.16 -26.47 6.16
C PHE B 142 -1.10 -24.94 6.31
N GLN B 143 -2.26 -24.34 6.59
CA GLN B 143 -2.34 -22.91 6.85
C GLN B 143 -2.66 -22.64 8.31
N PHE B 144 -1.83 -21.78 8.92
CA PHE B 144 -2.07 -21.28 10.26
C PHE B 144 -2.43 -19.79 10.14
N VAL B 145 -3.69 -19.47 10.40
CA VAL B 145 -4.20 -18.13 10.12
C VAL B 145 -4.22 -17.28 11.38
N TRP B 146 -3.52 -16.16 11.33
CA TRP B 146 -3.39 -15.28 12.48
C TRP B 146 -4.13 -13.97 12.25
N ASN B 147 -5.20 -13.79 13.02
CA ASN B 147 -6.01 -12.58 12.95
C ASN B 147 -5.52 -11.57 13.99
N ILE B 148 -4.99 -10.45 13.51
CA ILE B 148 -4.31 -9.48 14.38
C ILE B 148 -5.24 -8.32 14.72
N TYR B 149 -5.42 -8.08 16.02
CA TYR B 149 -6.33 -7.05 16.52
C TYR B 149 -5.58 -6.00 17.34
N ALA B 150 -6.02 -4.76 17.22
CA ALA B 150 -5.45 -3.65 17.99
C ALA B 150 -6.03 -3.63 19.40
N ASN B 151 -5.18 -3.47 20.40
CA ASN B 151 -5.64 -3.32 21.79
C ASN B 151 -6.04 -1.89 22.12
N ASN B 152 -5.57 -0.92 21.33
CA ASN B 152 -5.80 0.49 21.64
C ASN B 152 -5.89 1.35 20.39
N ASP B 153 -6.45 2.55 20.54
CA ASP B 153 -6.46 3.56 19.48
C ASP B 153 -5.03 3.95 19.10
N VAL B 154 -4.83 4.33 17.84
CA VAL B 154 -3.59 4.96 17.41
C VAL B 154 -3.93 6.33 16.84
N VAL B 155 -3.29 7.38 17.35
CA VAL B 155 -3.56 8.74 16.90
C VAL B 155 -2.43 9.23 16.00
N VAL B 156 -2.80 9.76 14.84
CA VAL B 156 -1.84 10.41 13.96
C VAL B 156 -2.05 11.92 14.10
N PRO B 157 -1.11 12.61 14.77
CA PRO B 157 -1.28 14.06 14.97
C PRO B 157 -1.49 14.83 13.67
N THR B 158 -2.24 15.92 13.76
CA THR B 158 -2.53 16.76 12.60
C THR B 158 -1.94 18.15 12.76
#